data_2ZO4
#
_entry.id   2ZO4
#
_cell.length_a   55.286
_cell.length_b   62.885
_cell.length_c   87.425
_cell.angle_alpha   90.00
_cell.angle_beta   90.00
_cell.angle_gamma   90.00
#
_symmetry.space_group_name_H-M   'P 21 21 21'
#
loop_
_entity.id
_entity.type
_entity.pdbx_description
1 polymer 'Metallo-beta-lactamase family protein'
2 non-polymer 'ZINC ION'
3 water water
#
_entity_poly.entity_id   1
_entity_poly.type   'polypeptide(L)'
_entity_poly.pdbx_seq_one_letter_code
;MKALLPGLYLLPVPIPYPLKTVNLYLLQGAGEVALVDTALGTRAARGALELHLAELGLCFQDVKTILLTHHHPDHYGLSG
FFEGLGARVFLHEEEFARGHRFWREPEAFAEASWRLFLDHGTPEGALQGIRETVEKTRERVHPPQNPLPLRDGEALEVAG
KRLRVLWTPGHADGHAAFYLEEEGVLLAGDALLEKVSPNVGLWAYTRENPLKDFLRSLDRLADLGARVAYAGHFGPIADV
RQRAEELKAHHQARLEALLALLDGPKTAWELSLHLFPQELDPAGRRFAFAETLAHLEYLREEGAVGRGGPPYRYFRR
;
_entity_poly.pdbx_strand_id   A
#
loop_
_chem_comp.id
_chem_comp.type
_chem_comp.name
_chem_comp.formula
ZN non-polymer 'ZINC ION' 'Zn 2'
#
# COMPACT_ATOMS: atom_id res chain seq x y z
N ALA A 3 6.19 -2.50 23.16
CA ALA A 3 6.11 -1.01 23.12
C ALA A 3 7.28 -0.38 22.39
N LEU A 4 7.01 0.17 21.21
CA LEU A 4 8.01 0.83 20.38
C LEU A 4 8.36 2.20 20.96
N LEU A 5 7.33 2.88 21.46
CA LEU A 5 7.45 4.07 22.28
C LEU A 5 6.36 3.91 23.34
N PRO A 6 6.44 4.65 24.46
CA PRO A 6 5.30 4.57 25.38
C PRO A 6 4.01 4.93 24.66
N GLY A 7 3.02 4.05 24.73
CA GLY A 7 1.75 4.26 24.04
C GLY A 7 1.78 4.03 22.53
N LEU A 8 2.81 3.33 22.04
CA LEU A 8 2.87 2.91 20.64
C LEU A 8 3.30 1.45 20.55
N TYR A 9 2.42 0.60 20.01
CA TYR A 9 2.62 -0.84 20.00
C TYR A 9 2.54 -1.44 18.60
N LEU A 10 3.43 -2.40 18.32
CA LEU A 10 3.40 -3.18 17.10
C LEU A 10 2.40 -4.34 17.24
N LEU A 11 1.46 -4.44 16.29
CA LEU A 11 0.43 -5.48 16.28
C LEU A 11 0.49 -6.29 14.99
N PRO A 12 1.26 -7.40 15.00
CA PRO A 12 1.35 -8.28 13.83
C PRO A 12 0.09 -9.15 13.66
N VAL A 13 -0.48 -9.13 12.47
CA VAL A 13 -1.75 -9.82 12.19
C VAL A 13 -1.61 -10.71 10.95
N PRO A 14 -2.04 -11.99 11.04
CA PRO A 14 -1.98 -12.90 9.88
C PRO A 14 -2.92 -12.50 8.75
N ILE A 15 -2.44 -12.61 7.51
CA ILE A 15 -3.21 -12.27 6.32
C ILE A 15 -3.10 -13.39 5.27
N PRO A 16 -4.20 -13.66 4.54
CA PRO A 16 -4.21 -14.77 3.59
C PRO A 16 -3.56 -14.42 2.24
N TYR A 17 -2.45 -13.69 2.29
CA TYR A 17 -1.72 -13.26 1.11
C TYR A 17 -0.22 -13.59 1.26
N PRO A 18 0.52 -13.69 0.14
CA PRO A 18 1.95 -14.05 0.16
C PRO A 18 2.81 -13.29 1.18
N LEU A 19 2.42 -12.07 1.55
CA LEU A 19 3.13 -11.31 2.59
C LEU A 19 2.96 -11.93 3.99
N LYS A 20 1.86 -12.66 4.17
CA LYS A 20 1.59 -13.51 5.35
C LYS A 20 1.22 -12.78 6.64
N THR A 21 1.83 -11.61 6.86
CA THR A 21 1.63 -10.84 8.09
C THR A 21 1.62 -9.34 7.79
N VAL A 22 0.61 -8.66 8.32
CA VAL A 22 0.54 -7.20 8.26
C VAL A 22 0.85 -6.62 9.64
N ASN A 23 1.55 -5.49 9.64
CA ASN A 23 1.86 -4.76 10.86
C ASN A 23 0.92 -3.59 11.09
N LEU A 24 0.13 -3.68 12.14
CA LEU A 24 -0.73 -2.58 12.58
C LEU A 24 -0.04 -1.88 13.75
N TYR A 25 -0.42 -0.64 14.00
CA TYR A 25 0.17 0.15 15.08
C TYR A 25 -0.91 0.78 15.96
N LEU A 26 -0.87 0.44 17.24
CA LEU A 26 -1.83 0.92 18.23
C LEU A 26 -1.24 2.09 19.00
N LEU A 27 -1.97 3.20 19.03
CA LEU A 27 -1.58 4.38 19.79
C LEU A 27 -2.56 4.58 20.93
N GLN A 28 -2.04 4.66 22.16
CA GLN A 28 -2.87 4.92 23.34
C GLN A 28 -2.24 6.05 24.15
N GLY A 29 -3.08 6.98 24.61
CA GLY A 29 -2.61 8.11 25.42
C GLY A 29 -3.62 9.23 25.44
N ALA A 30 -3.52 10.08 26.47
CA ALA A 30 -4.43 11.22 26.66
C ALA A 30 -5.90 10.82 26.58
N GLY A 31 -6.21 9.60 27.02
CA GLY A 31 -7.58 9.10 27.03
C GLY A 31 -8.07 8.60 25.68
N GLU A 32 -7.20 8.63 24.67
CA GLU A 32 -7.54 8.24 23.30
C GLU A 32 -6.88 6.93 22.92
N VAL A 33 -7.55 6.18 22.05
CA VAL A 33 -7.00 4.98 21.42
C VAL A 33 -7.19 5.06 19.90
N ALA A 34 -6.11 4.82 19.16
CA ALA A 34 -6.13 4.85 17.70
C ALA A 34 -5.41 3.66 17.10
N LEU A 35 -5.89 3.23 15.94
CA LEU A 35 -5.19 2.21 15.15
C LEU A 35 -4.69 2.77 13.83
N VAL A 36 -3.43 2.48 13.53
CA VAL A 36 -2.88 2.69 12.19
C VAL A 36 -3.03 1.37 11.45
N ASP A 37 -3.93 1.36 10.45
CA ASP A 37 -4.30 0.16 9.68
C ASP A 37 -5.10 -0.88 10.51
N THR A 38 -5.79 -1.78 9.82
CA THR A 38 -6.87 -2.55 10.47
C THR A 38 -6.95 -4.04 10.11
N ALA A 39 -6.02 -4.53 9.31
CA ALA A 39 -6.12 -5.87 8.72
C ALA A 39 -7.43 -6.05 7.95
N LEU A 40 -8.04 -7.23 8.04
CA LEU A 40 -9.21 -7.55 7.23
C LEU A 40 -10.08 -8.64 7.85
N GLY A 41 -11.25 -8.88 7.24
CA GLY A 41 -12.28 -9.74 7.82
C GLY A 41 -12.09 -11.22 7.55
N THR A 42 -11.11 -11.82 8.22
CA THR A 42 -11.01 -13.27 8.32
C THR A 42 -11.13 -13.58 9.79
N ARG A 43 -11.46 -14.83 10.12
CA ARG A 43 -11.53 -15.27 11.51
C ARG A 43 -10.17 -15.18 12.18
N ALA A 44 -9.12 -15.58 11.48
CA ALA A 44 -7.76 -15.56 11.99
C ALA A 44 -7.23 -14.13 12.22
N ALA A 45 -7.56 -13.21 11.32
CA ALA A 45 -7.14 -11.81 11.46
C ALA A 45 -7.90 -11.08 12.56
N ARG A 46 -9.23 -11.22 12.56
CA ARG A 46 -10.08 -10.64 13.60
C ARG A 46 -9.70 -11.15 14.99
N GLY A 47 -9.45 -12.45 15.08
CA GLY A 47 -9.11 -13.11 16.34
C GLY A 47 -7.78 -12.63 16.91
N ALA A 48 -6.78 -12.55 16.04
CA ALA A 48 -5.46 -12.04 16.42
C ALA A 48 -5.51 -10.59 16.91
N LEU A 49 -6.28 -9.75 16.22
CA LEU A 49 -6.41 -8.35 16.59
C LEU A 49 -7.11 -8.20 17.94
N GLU A 50 -8.18 -8.98 18.12
CA GLU A 50 -8.91 -9.02 19.39
C GLU A 50 -7.99 -9.39 20.54
N LEU A 51 -7.17 -10.42 20.35
CA LEU A 51 -6.24 -10.86 21.38
C LEU A 51 -5.18 -9.80 21.71
N HIS A 52 -4.66 -9.14 20.68
CA HIS A 52 -3.74 -8.02 20.85
C HIS A 52 -4.34 -6.92 21.72
N LEU A 53 -5.55 -6.51 21.36
CA LEU A 53 -6.28 -5.48 22.08
C LEU A 53 -6.56 -5.90 23.52
N ALA A 54 -6.96 -7.17 23.71
CA ALA A 54 -7.20 -7.74 25.03
C ALA A 54 -5.98 -7.68 25.94
N GLU A 55 -4.79 -7.89 25.35
CA GLU A 55 -3.52 -7.86 26.09
C GLU A 55 -3.25 -6.47 26.68
N LEU A 56 -3.73 -5.45 25.97
CA LEU A 56 -3.61 -4.06 26.41
C LEU A 56 -4.80 -3.63 27.27
N GLY A 57 -5.79 -4.50 27.42
CA GLY A 57 -7.00 -4.22 28.20
C GLY A 57 -8.07 -3.51 27.41
N LEU A 58 -8.13 -3.77 26.10
CA LEU A 58 -9.01 -3.04 25.19
C LEU A 58 -9.93 -3.95 24.38
N CYS A 59 -11.05 -3.39 23.96
CA CYS A 59 -12.01 -4.04 23.08
C CYS A 59 -11.96 -3.34 21.74
N PHE A 60 -12.53 -3.96 20.70
CA PHE A 60 -12.70 -3.32 19.40
C PHE A 60 -13.37 -1.95 19.54
N GLN A 61 -14.35 -1.88 20.44
CA GLN A 61 -15.16 -0.67 20.63
C GLN A 61 -14.38 0.51 21.24
N ASP A 62 -13.22 0.21 21.84
CA ASP A 62 -12.35 1.24 22.42
C ASP A 62 -11.58 2.04 21.38
N VAL A 63 -11.40 1.47 20.19
CA VAL A 63 -10.63 2.14 19.13
C VAL A 63 -11.50 3.17 18.42
N LYS A 64 -11.29 4.44 18.74
CA LYS A 64 -12.15 5.52 18.26
C LYS A 64 -11.60 6.28 17.04
N THR A 65 -10.31 6.08 16.73
CA THR A 65 -9.70 6.70 15.56
C THR A 65 -8.97 5.66 14.71
N ILE A 66 -9.25 5.68 13.41
CA ILE A 66 -8.57 4.81 12.46
C ILE A 66 -7.79 5.66 11.47
N LEU A 67 -6.49 5.41 11.38
CA LEU A 67 -5.64 6.06 10.39
C LEU A 67 -5.18 5.04 9.36
N LEU A 68 -5.62 5.20 8.11
CA LEU A 68 -5.28 4.25 7.04
C LEU A 68 -4.14 4.76 6.17
N THR A 69 -3.09 3.94 6.03
CA THR A 69 -2.00 4.26 5.13
C THR A 69 -2.45 4.18 3.68
N HIS A 70 -3.26 3.16 3.36
CA HIS A 70 -3.81 2.96 2.01
C HIS A 70 -4.98 1.98 1.97
N HIS A 71 -5.52 1.78 0.76
CA HIS A 71 -6.76 1.05 0.53
C HIS A 71 -6.61 -0.47 0.37
N HIS A 72 -5.38 -0.97 0.34
CA HIS A 72 -5.17 -2.40 0.13
C HIS A 72 -5.85 -3.19 1.26
N PRO A 73 -6.40 -4.39 0.93
CA PRO A 73 -7.27 -5.11 1.86
C PRO A 73 -6.64 -5.41 3.22
N ASP A 74 -5.35 -5.70 3.25
CA ASP A 74 -4.61 -6.00 4.48
C ASP A 74 -4.45 -4.81 5.44
N HIS A 75 -4.78 -3.60 4.98
CA HIS A 75 -4.68 -2.39 5.80
C HIS A 75 -6.07 -1.75 6.02
N TYR A 76 -6.95 -1.95 5.05
CA TYR A 76 -8.21 -1.22 4.92
C TYR A 76 -9.42 -2.09 5.25
N GLY A 77 -9.21 -3.41 5.30
CA GLY A 77 -10.29 -4.39 5.38
C GLY A 77 -11.28 -4.29 6.55
N LEU A 78 -10.79 -3.95 7.73
CA LEU A 78 -11.66 -3.82 8.90
C LEU A 78 -12.10 -2.39 9.23
N SER A 79 -11.69 -1.41 8.41
CA SER A 79 -11.99 0.00 8.69
C SER A 79 -13.49 0.30 8.82
N GLY A 80 -14.29 -0.32 7.97
CA GLY A 80 -15.75 -0.19 8.03
C GLY A 80 -16.35 -0.86 9.25
N PHE A 81 -15.71 -1.93 9.73
CA PHE A 81 -16.13 -2.61 10.96
C PHE A 81 -15.93 -1.71 12.15
N PHE A 82 -14.72 -1.18 12.29
CA PHE A 82 -14.41 -0.22 13.34
C PHE A 82 -15.30 1.02 13.24
N GLU A 83 -15.49 1.52 12.02
CA GLU A 83 -16.40 2.66 11.80
C GLU A 83 -17.82 2.35 12.27
N GLY A 84 -18.29 1.12 12.03
CA GLY A 84 -19.61 0.69 12.47
C GLY A 84 -19.80 0.72 13.98
N LEU A 85 -18.69 0.61 14.72
CA LEU A 85 -18.74 0.66 16.18
C LEU A 85 -18.62 2.09 16.71
N GLY A 86 -18.38 3.05 15.82
CA GLY A 86 -18.33 4.46 16.20
C GLY A 86 -16.98 5.13 15.97
N ALA A 87 -16.03 4.39 15.41
CA ALA A 87 -14.70 4.92 15.10
C ALA A 87 -14.72 5.89 13.93
N ARG A 88 -13.81 6.86 13.97
CA ARG A 88 -13.62 7.80 12.88
C ARG A 88 -12.48 7.32 11.98
N VAL A 89 -12.75 7.17 10.69
CA VAL A 89 -11.78 6.65 9.74
C VAL A 89 -11.16 7.77 8.89
N PHE A 90 -9.83 7.80 8.87
CA PHE A 90 -9.07 8.77 8.07
C PHE A 90 -8.32 8.08 6.94
N LEU A 91 -8.39 8.68 5.75
CA LEU A 91 -7.83 8.11 4.52
C LEU A 91 -7.36 9.26 3.65
N HIS A 92 -6.19 9.13 3.03
CA HIS A 92 -5.70 10.21 2.15
C HIS A 92 -6.64 10.48 0.96
N GLU A 93 -6.85 11.76 0.68
CA GLU A 93 -7.82 12.24 -0.32
C GLU A 93 -7.71 11.56 -1.70
N GLU A 94 -6.49 11.25 -2.12
CA GLU A 94 -6.23 10.67 -3.44
C GLU A 94 -6.73 9.22 -3.60
N GLU A 95 -7.03 8.55 -2.49
CA GLU A 95 -7.62 7.20 -2.53
C GLU A 95 -9.09 7.24 -2.89
N PHE A 96 -9.76 8.36 -2.58
CA PHE A 96 -11.23 8.44 -2.60
C PHE A 96 -11.88 8.09 -3.94
N ALA A 97 -11.37 8.67 -5.02
CA ALA A 97 -11.91 8.40 -6.36
C ALA A 97 -11.25 7.20 -7.02
N ARG A 98 -10.34 6.55 -6.30
CA ARG A 98 -9.57 5.45 -6.90
C ARG A 98 -9.75 4.14 -6.14
N GLY A 99 -8.78 3.76 -5.32
CA GLY A 99 -8.83 2.52 -4.54
C GLY A 99 -10.05 2.40 -3.62
N HIS A 100 -10.42 3.51 -2.98
CA HIS A 100 -11.62 3.55 -2.14
C HIS A 100 -12.89 3.29 -2.97
N ARG A 101 -13.02 3.97 -4.10
CA ARG A 101 -14.13 3.75 -5.03
C ARG A 101 -14.19 2.30 -5.53
N PHE A 102 -13.02 1.72 -5.78
CA PHE A 102 -12.91 0.32 -6.20
C PHE A 102 -13.66 -0.62 -5.23
N TRP A 103 -13.51 -0.38 -3.94
CA TRP A 103 -14.18 -1.18 -2.92
C TRP A 103 -15.66 -0.83 -2.76
N ARG A 104 -15.96 0.47 -2.74
CA ARG A 104 -17.33 0.97 -2.54
C ARG A 104 -18.26 0.68 -3.71
N GLU A 105 -17.72 0.78 -4.92
CA GLU A 105 -18.48 0.59 -6.15
C GLU A 105 -17.85 -0.52 -6.99
N PRO A 106 -18.20 -1.78 -6.71
CA PRO A 106 -17.58 -2.94 -7.36
C PRO A 106 -17.64 -2.91 -8.89
N GLU A 107 -18.56 -2.13 -9.45
CA GLU A 107 -18.76 -2.08 -10.91
C GLU A 107 -18.13 -0.85 -11.57
N ALA A 108 -17.53 0.03 -10.78
CA ALA A 108 -16.91 1.25 -11.30
C ALA A 108 -15.68 0.98 -12.18
N PHE A 109 -14.82 0.07 -11.74
CA PHE A 109 -13.58 -0.24 -12.47
C PHE A 109 -13.51 -1.68 -12.98
N ALA A 110 -14.60 -2.44 -12.81
CA ALA A 110 -14.62 -3.87 -13.09
C ALA A 110 -14.21 -4.25 -14.52
N GLU A 111 -14.90 -3.67 -15.50
CA GLU A 111 -14.65 -3.95 -16.92
C GLU A 111 -13.25 -3.55 -17.36
N ALA A 112 -12.82 -2.36 -16.92
CA ALA A 112 -11.47 -1.85 -17.22
C ALA A 112 -10.38 -2.73 -16.60
N SER A 113 -10.61 -3.19 -15.37
CA SER A 113 -9.68 -4.09 -14.69
C SER A 113 -9.44 -5.37 -15.49
N TRP A 114 -10.52 -5.98 -15.99
CA TRP A 114 -10.41 -7.22 -16.78
C TRP A 114 -9.80 -6.96 -18.14
N ARG A 115 -10.25 -5.89 -18.80
CA ARG A 115 -9.73 -5.49 -20.10
C ARG A 115 -8.23 -5.20 -20.07
N LEU A 116 -7.76 -4.58 -18.98
CA LEU A 116 -6.34 -4.32 -18.79
C LEU A 116 -5.52 -5.60 -18.79
N PHE A 117 -6.03 -6.63 -18.12
CA PHE A 117 -5.42 -7.96 -18.14
C PHE A 117 -5.42 -8.54 -19.57
N LEU A 118 -6.59 -8.53 -20.19
CA LEU A 118 -6.81 -9.15 -21.51
C LEU A 118 -6.03 -8.49 -22.64
N ASP A 119 -6.02 -7.17 -22.67
CA ASP A 119 -5.29 -6.40 -23.68
C ASP A 119 -3.78 -6.59 -23.57
N HIS A 120 -3.32 -6.91 -22.37
CA HIS A 120 -1.91 -7.13 -22.11
C HIS A 120 -1.54 -8.63 -22.02
N GLY A 121 -2.34 -9.46 -22.69
CA GLY A 121 -1.98 -10.85 -22.96
C GLY A 121 -2.29 -11.90 -21.90
N THR A 122 -3.10 -11.54 -20.89
CA THR A 122 -3.49 -12.50 -19.86
C THR A 122 -4.50 -13.50 -20.45
N PRO A 123 -4.21 -14.81 -20.33
CA PRO A 123 -5.15 -15.83 -20.79
C PRO A 123 -6.29 -16.01 -19.78
N GLU A 124 -7.41 -16.59 -20.23
CA GLU A 124 -8.58 -16.82 -19.37
C GLU A 124 -8.32 -17.79 -18.21
N GLU A 132 -13.30 -15.66 -8.82
CA GLU A 132 -12.16 -14.77 -8.73
C GLU A 132 -11.60 -14.68 -7.31
N THR A 133 -10.29 -14.50 -7.21
CA THR A 133 -9.62 -14.24 -5.94
C THR A 133 -10.01 -12.85 -5.42
N VAL A 134 -10.36 -11.95 -6.35
CA VAL A 134 -10.82 -10.61 -6.03
C VAL A 134 -12.17 -10.65 -5.32
N GLU A 135 -13.07 -11.54 -5.77
CA GLU A 135 -14.35 -11.75 -5.11
C GLU A 135 -14.16 -12.24 -3.68
N LYS A 136 -13.22 -13.16 -3.50
CA LYS A 136 -12.87 -13.69 -2.18
C LYS A 136 -12.31 -12.59 -1.27
N THR A 137 -11.50 -11.70 -1.86
CA THR A 137 -10.95 -10.55 -1.16
C THR A 137 -12.06 -9.55 -0.76
N ARG A 138 -12.92 -9.19 -1.71
CA ARG A 138 -14.04 -8.26 -1.46
C ARG A 138 -14.92 -8.70 -0.28
N GLU A 139 -15.11 -10.01 -0.13
CA GLU A 139 -15.88 -10.58 0.97
C GLU A 139 -15.22 -10.34 2.32
N ARG A 140 -13.91 -10.14 2.31
CA ARG A 140 -13.12 -9.90 3.53
C ARG A 140 -12.93 -8.41 3.81
N VAL A 141 -13.45 -7.57 2.91
CA VAL A 141 -13.29 -6.13 3.03
C VAL A 141 -14.58 -5.44 3.42
N HIS A 142 -14.48 -4.62 4.47
CA HIS A 142 -15.61 -3.83 4.97
C HIS A 142 -15.25 -2.36 4.78
N PRO A 143 -15.66 -1.77 3.65
CA PRO A 143 -15.29 -0.39 3.33
C PRO A 143 -16.00 0.62 4.24
N PRO A 144 -15.28 1.69 4.64
CA PRO A 144 -15.89 2.75 5.45
C PRO A 144 -16.87 3.55 4.60
N GLN A 145 -17.95 4.03 5.23
CA GLN A 145 -18.98 4.79 4.54
C GLN A 145 -18.64 6.27 4.49
N ASN A 146 -18.13 6.79 5.61
CA ASN A 146 -17.83 8.21 5.74
C ASN A 146 -16.38 8.47 6.18
N PRO A 147 -15.38 7.96 5.41
CA PRO A 147 -14.00 8.27 5.78
C PRO A 147 -13.70 9.77 5.59
N LEU A 148 -12.82 10.30 6.42
CA LEU A 148 -12.41 11.71 6.31
C LEU A 148 -11.10 11.82 5.53
N PRO A 149 -11.08 12.71 4.50
CA PRO A 149 -9.89 12.86 3.66
C PRO A 149 -8.71 13.55 4.34
N LEU A 150 -7.57 12.88 4.32
CA LEU A 150 -6.32 13.45 4.80
C LEU A 150 -5.60 14.20 3.68
N ARG A 151 -4.79 15.17 4.05
CA ARG A 151 -4.06 16.01 3.11
C ARG A 151 -2.57 15.93 3.42
N ASP A 152 -1.74 16.02 2.39
CA ASP A 152 -0.28 16.01 2.58
C ASP A 152 0.13 17.17 3.48
N GLY A 153 1.01 16.90 4.44
CA GLY A 153 1.55 17.93 5.32
C GLY A 153 0.66 18.34 6.49
N GLU A 154 -0.53 17.74 6.58
CA GLU A 154 -1.41 18.05 7.71
C GLU A 154 -0.90 17.41 9.00
N ALA A 155 -1.26 18.01 10.12
CA ALA A 155 -0.79 17.58 11.42
C ALA A 155 -1.96 17.08 12.24
N LEU A 156 -1.83 15.87 12.76
CA LEU A 156 -2.86 15.24 13.57
C LEU A 156 -2.38 15.05 15.00
N GLU A 157 -3.24 15.43 15.95
CA GLU A 157 -3.00 15.13 17.35
C GLU A 157 -3.77 13.88 17.69
N VAL A 158 -3.04 12.80 17.90
CA VAL A 158 -3.63 11.48 18.07
C VAL A 158 -3.01 10.80 19.28
N ALA A 159 -3.83 10.54 20.30
CA ALA A 159 -3.42 9.79 21.50
C ALA A 159 -2.16 10.37 22.17
N GLY A 160 -2.11 11.69 22.27
CA GLY A 160 -0.98 12.37 22.92
C GLY A 160 0.23 12.57 22.03
N LYS A 161 0.19 11.98 20.83
CA LYS A 161 1.26 12.14 19.86
C LYS A 161 0.86 13.06 18.71
N ARG A 162 1.88 13.61 18.03
CA ARG A 162 1.65 14.49 16.88
C ARG A 162 2.22 13.84 15.63
N LEU A 163 1.33 13.56 14.68
CA LEU A 163 1.66 12.80 13.48
C LEU A 163 1.57 13.68 12.23
N ARG A 164 2.62 13.68 11.43
CA ARG A 164 2.61 14.41 10.17
C ARG A 164 2.21 13.47 9.04
N VAL A 165 1.19 13.87 8.29
CA VAL A 165 0.74 13.09 7.13
C VAL A 165 1.66 13.32 5.93
N LEU A 166 2.28 12.24 5.45
CA LEU A 166 3.16 12.31 4.29
C LEU A 166 2.56 11.52 3.14
N TRP A 167 2.03 12.23 2.16
CA TRP A 167 1.51 11.62 0.94
C TRP A 167 2.68 11.01 0.19
N THR A 168 2.62 9.69 0.03
CA THR A 168 3.68 8.92 -0.61
C THR A 168 3.09 8.00 -1.68
N PRO A 169 2.65 8.58 -2.83
CA PRO A 169 2.03 7.80 -3.90
C PRO A 169 3.02 6.86 -4.57
N GLY A 170 2.51 5.81 -5.22
CA GLY A 170 3.33 4.81 -5.88
C GLY A 170 2.82 3.41 -5.61
N HIS A 171 3.02 2.95 -4.38
CA HIS A 171 2.46 1.68 -3.94
C HIS A 171 0.93 1.72 -3.99
N ALA A 172 0.37 2.86 -3.60
CA ALA A 172 -1.05 3.16 -3.82
C ALA A 172 -1.16 4.65 -4.07
N ASP A 173 -2.22 5.06 -4.77
CA ASP A 173 -2.36 6.44 -5.22
C ASP A 173 -2.42 7.46 -4.08
N GLY A 174 -3.23 7.16 -3.07
CA GLY A 174 -3.33 8.01 -1.87
C GLY A 174 -2.67 7.35 -0.69
N HIS A 175 -1.52 6.73 -0.92
CA HIS A 175 -0.76 6.15 0.18
C HIS A 175 -0.22 7.28 1.05
N ALA A 176 -0.41 7.12 2.35
CA ALA A 176 0.08 8.08 3.31
C ALA A 176 0.92 7.38 4.38
N ALA A 177 2.09 7.93 4.67
CA ALA A 177 2.86 7.54 5.86
C ALA A 177 2.54 8.52 6.98
N PHE A 178 2.75 8.10 8.23
CA PHE A 178 2.50 8.96 9.38
C PHE A 178 3.79 9.14 10.15
N TYR A 179 4.25 10.39 10.24
CA TYR A 179 5.55 10.71 10.79
C TYR A 179 5.47 11.46 12.12
N LEU A 180 6.08 10.87 13.14
CA LEU A 180 6.20 11.48 14.46
C LEU A 180 7.50 12.29 14.47
N GLU A 181 7.37 13.58 14.20
CA GLU A 181 8.51 14.44 13.89
C GLU A 181 9.50 14.61 15.04
N GLU A 182 8.99 14.80 16.25
CA GLU A 182 9.86 14.99 17.41
C GLU A 182 10.67 13.73 17.69
N GLU A 183 10.00 12.59 17.67
CA GLU A 183 10.62 11.30 17.96
C GLU A 183 11.45 10.78 16.77
N GLY A 184 11.11 11.25 15.56
CA GLY A 184 11.80 10.82 14.35
C GLY A 184 11.38 9.42 13.96
N VAL A 185 10.18 9.03 14.39
CA VAL A 185 9.65 7.70 14.13
C VAL A 185 8.67 7.78 12.97
N LEU A 186 8.94 7.00 11.93
CA LEU A 186 8.11 6.96 10.73
C LEU A 186 7.28 5.69 10.69
N LEU A 187 5.96 5.88 10.61
CA LEU A 187 5.05 4.77 10.36
C LEU A 187 4.84 4.77 8.86
N ALA A 188 5.62 3.95 8.18
CA ALA A 188 5.84 4.07 6.73
C ALA A 188 4.77 3.44 5.86
N GLY A 189 3.89 2.64 6.45
CA GLY A 189 2.94 1.84 5.68
C GLY A 189 3.70 0.93 4.72
N ASP A 190 3.25 0.86 3.47
CA ASP A 190 3.97 0.09 2.46
C ASP A 190 4.76 0.95 1.47
N ALA A 191 5.10 2.19 1.86
CA ALA A 191 5.93 3.06 1.01
C ALA A 191 7.38 2.59 1.03
N LEU A 192 7.73 1.82 2.07
CA LEU A 192 9.07 1.34 2.32
C LEU A 192 8.96 0.01 3.06
N LEU A 193 9.74 -0.98 2.65
CA LEU A 193 9.85 -2.27 3.35
C LEU A 193 11.31 -2.69 3.40
N GLU A 194 11.69 -3.46 4.42
CA GLU A 194 13.09 -3.88 4.61
C GLU A 194 13.60 -5.02 3.73
N LYS A 195 12.75 -5.99 3.40
CA LYS A 195 13.25 -7.22 2.76
C LYS A 195 13.11 -7.19 1.24
N VAL A 196 11.92 -6.80 0.80
CA VAL A 196 11.57 -6.77 -0.61
C VAL A 196 11.14 -5.35 -0.96
N SER A 197 10.78 -5.16 -2.23
CA SER A 197 10.13 -3.92 -2.61
C SER A 197 8.63 -4.10 -2.43
N PRO A 198 7.97 -3.09 -1.82
CA PRO A 198 6.52 -3.08 -1.90
C PRO A 198 6.07 -3.00 -3.35
N ASN A 199 4.94 -3.61 -3.66
CA ASN A 199 4.36 -3.57 -4.99
C ASN A 199 4.26 -2.15 -5.53
N VAL A 200 4.58 -1.97 -6.80
CA VAL A 200 4.21 -0.76 -7.51
C VAL A 200 3.42 -1.19 -8.74
N GLY A 201 2.11 -1.31 -8.57
CA GLY A 201 1.25 -1.86 -9.61
C GLY A 201 0.46 -0.83 -10.38
N LEU A 202 0.28 -1.08 -11.67
CA LEU A 202 -0.61 -0.28 -12.50
C LEU A 202 -1.94 -1.00 -12.62
N TRP A 203 -2.97 -0.42 -12.01
CA TRP A 203 -4.32 -0.97 -12.04
C TRP A 203 -5.22 -0.02 -12.84
N ALA A 204 -6.48 -0.40 -13.04
CA ALA A 204 -7.44 0.41 -13.78
C ALA A 204 -7.73 1.78 -13.15
N TYR A 205 -7.54 1.90 -11.84
CA TYR A 205 -7.84 3.14 -11.11
C TYR A 205 -6.62 3.98 -10.76
N THR A 206 -5.44 3.49 -11.14
CA THR A 206 -4.16 4.09 -10.76
C THR A 206 -3.88 5.39 -11.52
N ARG A 207 -3.14 6.31 -10.89
CA ARG A 207 -2.53 7.46 -11.56
C ARG A 207 -1.70 7.02 -12.77
N GLU A 208 -1.36 7.96 -13.64
CA GLU A 208 -0.75 7.64 -14.95
C GLU A 208 0.60 6.89 -14.90
N ASN A 209 1.51 7.35 -14.04
CA ASN A 209 2.86 6.77 -13.99
C ASN A 209 3.21 6.39 -12.54
N PRO A 210 2.63 5.29 -12.02
CA PRO A 210 2.81 4.91 -10.62
C PRO A 210 4.26 4.72 -10.17
N LEU A 211 5.12 4.18 -11.04
CA LEU A 211 6.53 3.97 -10.69
C LEU A 211 7.27 5.31 -10.49
N LYS A 212 6.95 6.29 -11.32
CA LYS A 212 7.52 7.64 -11.18
C LYS A 212 7.13 8.26 -9.85
N ASP A 213 5.86 8.12 -9.46
CA ASP A 213 5.39 8.51 -8.12
C ASP A 213 6.17 7.79 -7.02
N PHE A 214 6.35 6.48 -7.19
CA PHE A 214 6.99 5.64 -6.18
C PHE A 214 8.43 6.06 -5.92
N LEU A 215 9.16 6.34 -7.00
CA LEU A 215 10.55 6.74 -6.90
C LEU A 215 10.71 8.15 -6.30
N ARG A 216 9.76 9.04 -6.60
CA ARG A 216 9.77 10.36 -5.99
C ARG A 216 9.44 10.28 -4.49
N SER A 217 8.58 9.33 -4.13
CA SER A 217 8.22 9.10 -2.72
C SER A 217 9.41 8.57 -1.92
N LEU A 218 10.18 7.67 -2.52
CA LEU A 218 11.42 7.16 -1.93
C LEU A 218 12.43 8.29 -1.69
N ASP A 219 12.55 9.20 -2.66
CA ASP A 219 13.38 10.39 -2.53
C ASP A 219 12.94 11.24 -1.33
N ARG A 220 11.64 11.48 -1.21
CA ARG A 220 11.05 12.26 -0.13
C ARG A 220 11.38 11.63 1.23
N LEU A 221 11.18 10.31 1.34
CA LEU A 221 11.49 9.58 2.57
C LEU A 221 13.00 9.53 2.86
N ALA A 222 13.81 9.47 1.82
CA ALA A 222 15.27 9.44 1.98
C ALA A 222 15.81 10.71 2.66
N ASP A 223 15.23 11.85 2.30
CA ASP A 223 15.66 13.15 2.82
C ASP A 223 14.92 13.57 4.09
N LEU A 224 14.01 12.73 4.55
CA LEU A 224 13.15 13.05 5.70
C LEU A 224 13.94 13.28 6.98
N GLY A 225 14.96 12.47 7.21
CA GLY A 225 15.74 12.54 8.44
C GLY A 225 15.17 11.67 9.55
N ALA A 226 14.34 10.68 9.17
CA ALA A 226 13.74 9.77 10.13
C ALA A 226 14.80 8.90 10.80
N ARG A 227 14.60 8.60 12.07
CA ARG A 227 15.56 7.82 12.87
C ARG A 227 15.29 6.34 12.78
N VAL A 228 14.03 5.99 12.51
CA VAL A 228 13.60 4.59 12.36
C VAL A 228 12.27 4.56 11.62
N ALA A 229 12.04 3.48 10.86
CA ALA A 229 10.74 3.30 10.21
C ALA A 229 10.12 1.97 10.60
N TYR A 230 8.84 2.02 10.95
CA TYR A 230 8.05 0.83 11.20
C TYR A 230 7.01 0.73 10.10
N ALA A 231 7.17 -0.30 9.26
CA ALA A 231 6.41 -0.42 8.03
C ALA A 231 5.24 -1.40 8.15
N GLY A 232 4.50 -1.57 7.06
CA GLY A 232 3.31 -2.42 7.04
C GLY A 232 3.61 -3.90 7.04
N HIS A 233 4.83 -4.26 6.64
CA HIS A 233 5.27 -5.66 6.64
C HIS A 233 6.73 -5.77 7.03
N PHE A 234 7.11 -6.95 7.52
CA PHE A 234 8.49 -7.28 7.90
C PHE A 234 9.01 -6.51 9.13
N GLY A 235 10.33 -6.54 9.33
CA GLY A 235 10.94 -5.93 10.51
C GLY A 235 11.15 -4.44 10.40
N PRO A 236 11.62 -3.81 11.50
CA PRO A 236 11.89 -2.37 11.55
C PRO A 236 13.02 -1.96 10.62
N ILE A 237 13.00 -0.70 10.18
CA ILE A 237 14.01 -0.17 9.26
C ILE A 237 14.87 0.86 10.01
N ALA A 238 16.09 0.46 10.35
CA ALA A 238 16.95 1.28 11.22
C ALA A 238 17.56 2.47 10.48
N ASP A 239 17.93 2.26 9.22
CA ASP A 239 18.44 3.34 8.38
C ASP A 239 17.48 3.58 7.20
N VAL A 240 16.65 4.60 7.34
CA VAL A 240 15.58 4.89 6.38
C VAL A 240 16.13 5.37 5.04
N ARG A 241 17.12 6.28 5.08
CA ARG A 241 17.76 6.78 3.86
C ARG A 241 18.40 5.64 3.07
N GLN A 242 19.06 4.74 3.79
CA GLN A 242 19.76 3.62 3.17
C GLN A 242 18.80 2.69 2.45
N ARG A 243 17.70 2.31 3.11
CA ARG A 243 16.70 1.45 2.49
C ARG A 243 16.01 2.12 1.29
N ALA A 244 15.71 3.41 1.41
CA ALA A 244 15.13 4.20 0.32
C ALA A 244 16.06 4.22 -0.90
N GLU A 245 17.35 4.40 -0.65
CA GLU A 245 18.35 4.34 -1.71
C GLU A 245 18.50 2.94 -2.31
N GLU A 246 18.37 1.92 -1.47
CA GLU A 246 18.39 0.53 -1.93
C GLU A 246 17.20 0.18 -2.84
N LEU A 247 16.02 0.71 -2.51
CA LEU A 247 14.82 0.46 -3.31
C LEU A 247 14.83 1.22 -4.63
N LYS A 248 15.47 2.38 -4.62
CA LYS A 248 15.76 3.14 -5.82
C LYS A 248 16.60 2.28 -6.78
N ALA A 249 17.71 1.77 -6.26
CA ALA A 249 18.65 0.96 -7.02
C ALA A 249 18.01 -0.34 -7.51
N HIS A 250 17.19 -0.95 -6.65
CA HIS A 250 16.41 -2.15 -6.97
C HIS A 250 15.57 -1.96 -8.22
N HIS A 251 14.78 -0.88 -8.25
CA HIS A 251 13.89 -0.64 -9.40
C HIS A 251 14.66 -0.25 -10.66
N GLN A 252 15.79 0.42 -10.49
CA GLN A 252 16.68 0.69 -11.59
C GLN A 252 17.21 -0.62 -12.21
N ALA A 253 17.55 -1.59 -11.36
CA ALA A 253 17.96 -2.92 -11.81
C ALA A 253 16.83 -3.65 -12.52
N ARG A 254 15.62 -3.58 -11.94
CA ARG A 254 14.41 -4.16 -12.56
C ARG A 254 14.12 -3.57 -13.93
N LEU A 255 14.29 -2.25 -14.07
CA LEU A 255 14.10 -1.60 -15.37
C LEU A 255 15.10 -2.10 -16.40
N GLU A 256 16.36 -2.25 -15.98
CA GLU A 256 17.41 -2.83 -16.83
C GLU A 256 17.09 -4.28 -17.18
N ALA A 257 16.62 -5.04 -16.19
CA ALA A 257 16.23 -6.44 -16.39
C ALA A 257 15.07 -6.57 -17.37
N LEU A 258 14.10 -5.67 -17.29
CA LEU A 258 12.94 -5.68 -18.18
C LEU A 258 13.36 -5.35 -19.62
N LEU A 259 14.22 -4.35 -19.79
CA LEU A 259 14.76 -3.99 -21.09
C LEU A 259 15.46 -5.17 -21.78
N ALA A 260 16.21 -5.94 -21.00
CA ALA A 260 16.92 -7.12 -21.49
C ALA A 260 15.96 -8.23 -21.94
N LEU A 261 14.83 -8.36 -21.24
CA LEU A 261 13.80 -9.33 -21.58
C LEU A 261 13.08 -9.03 -22.89
N LEU A 262 13.21 -7.81 -23.38
CA LEU A 262 12.58 -7.41 -24.63
C LEU A 262 13.49 -7.65 -25.84
N ASP A 263 14.00 -8.87 -25.95
CA ASP A 263 14.77 -9.32 -27.12
C ASP A 263 13.88 -9.42 -28.36
N GLY A 264 12.57 -9.39 -28.14
CA GLY A 264 11.57 -9.26 -29.19
C GLY A 264 10.27 -8.75 -28.60
N PRO A 265 9.25 -8.48 -29.44
CA PRO A 265 7.94 -8.02 -28.97
C PRO A 265 7.27 -8.99 -28.01
N LYS A 266 6.89 -8.49 -26.84
CA LYS A 266 6.30 -9.33 -25.78
C LYS A 266 5.16 -8.61 -25.04
N THR A 267 4.23 -9.40 -24.51
CA THR A 267 3.12 -8.88 -23.73
C THR A 267 3.53 -8.75 -22.26
N ALA A 268 2.82 -7.90 -21.52
CA ALA A 268 3.08 -7.73 -20.09
C ALA A 268 2.90 -9.02 -19.29
N TRP A 269 1.98 -9.88 -19.72
CA TRP A 269 1.77 -11.15 -19.04
C TRP A 269 2.98 -12.08 -19.13
N GLU A 270 3.48 -12.31 -20.33
CA GLU A 270 4.64 -13.19 -20.51
C GLU A 270 5.92 -12.62 -19.88
N LEU A 271 6.05 -11.30 -19.94
CA LEU A 271 7.17 -10.60 -19.30
C LEU A 271 7.17 -10.75 -17.79
N SER A 272 5.98 -10.72 -17.19
CA SER A 272 5.81 -10.82 -15.74
C SER A 272 6.27 -12.15 -15.15
N LEU A 273 6.35 -13.18 -15.99
CA LEU A 273 6.80 -14.51 -15.55
C LEU A 273 8.32 -14.56 -15.32
N HIS A 274 9.05 -13.74 -16.06
CA HIS A 274 10.51 -13.74 -16.00
C HIS A 274 11.05 -12.60 -15.14
N LEU A 275 10.33 -11.48 -15.13
CA LEU A 275 10.69 -10.34 -14.29
C LEU A 275 10.42 -10.68 -12.82
N PHE A 276 9.58 -11.69 -12.60
CA PHE A 276 9.26 -12.20 -11.27
C PHE A 276 9.28 -13.74 -11.28
N PRO A 277 10.48 -14.35 -11.26
CA PRO A 277 10.60 -15.80 -11.37
C PRO A 277 10.31 -16.51 -10.05
N ARG A 285 0.71 -13.83 -8.94
CA ARG A 285 0.84 -13.56 -10.36
C ARG A 285 0.21 -12.22 -10.73
N ARG A 286 -0.96 -11.94 -10.14
CA ARG A 286 -1.70 -10.70 -10.39
C ARG A 286 -0.86 -9.46 -10.07
N PHE A 287 -0.15 -9.51 -8.94
CA PHE A 287 0.74 -8.44 -8.50
C PHE A 287 1.97 -8.33 -9.39
N ALA A 288 2.51 -9.48 -9.80
CA ALA A 288 3.62 -9.53 -10.76
C ALA A 288 3.23 -8.86 -12.09
N PHE A 289 2.03 -9.15 -12.58
CA PHE A 289 1.50 -8.51 -13.79
C PHE A 289 1.41 -6.98 -13.68
N ALA A 290 0.80 -6.50 -12.61
CA ALA A 290 0.60 -5.07 -12.39
C ALA A 290 1.91 -4.31 -12.21
N GLU A 291 2.86 -4.93 -11.51
CA GLU A 291 4.21 -4.39 -11.33
C GLU A 291 4.96 -4.29 -12.66
N THR A 292 4.88 -5.36 -13.44
CA THR A 292 5.51 -5.42 -14.76
C THR A 292 4.93 -4.34 -15.70
N LEU A 293 3.61 -4.18 -15.64
CA LEU A 293 2.92 -3.15 -16.42
C LEU A 293 3.36 -1.75 -16.04
N ALA A 294 3.49 -1.50 -14.73
CA ALA A 294 3.97 -0.22 -14.21
C ALA A 294 5.37 0.13 -14.71
N HIS A 295 6.25 -0.87 -14.77
CA HIS A 295 7.60 -0.67 -15.26
C HIS A 295 7.65 -0.43 -16.77
N LEU A 296 6.82 -1.16 -17.50
CA LEU A 296 6.69 -0.97 -18.95
C LEU A 296 6.19 0.43 -19.32
N GLU A 297 5.21 0.93 -18.57
CA GLU A 297 4.64 2.26 -18.85
C GLU A 297 5.57 3.39 -18.44
N TYR A 298 6.42 3.13 -17.45
CA TYR A 298 7.49 4.04 -17.07
C TYR A 298 8.52 4.15 -18.21
N LEU A 299 8.90 3.00 -18.77
CA LEU A 299 9.85 2.94 -19.88
C LEU A 299 9.28 3.56 -21.15
N ARG A 300 7.98 3.37 -21.39
CA ARG A 300 7.32 3.90 -22.57
C ARG A 300 7.24 5.42 -22.52
N GLU A 301 6.96 5.95 -21.33
CA GLU A 301 6.90 7.40 -21.13
C GLU A 301 8.26 8.05 -21.40
N GLU A 302 9.33 7.36 -21.02
CA GLU A 302 10.70 7.81 -21.30
C GLU A 302 11.08 7.63 -22.79
N GLY A 303 10.26 6.88 -23.52
CA GLY A 303 10.53 6.62 -24.94
C GLY A 303 11.42 5.42 -25.21
N ALA A 304 11.89 4.78 -24.14
CA ALA A 304 12.80 3.63 -24.25
C ALA A 304 12.14 2.41 -24.86
N VAL A 305 10.83 2.27 -24.65
CA VAL A 305 10.06 1.20 -25.29
C VAL A 305 8.85 1.75 -26.03
N GLY A 306 8.34 0.96 -26.98
CA GLY A 306 7.10 1.28 -27.67
C GLY A 306 6.18 0.08 -27.57
N ARG A 307 4.99 0.20 -28.14
CA ARG A 307 4.03 -0.89 -28.15
C ARG A 307 3.14 -0.87 -29.39
N GLY A 308 2.79 -2.05 -29.89
CA GLY A 308 1.82 -2.20 -30.96
C GLY A 308 0.48 -2.58 -30.35
N GLY A 309 -0.52 -2.82 -31.19
CA GLY A 309 -1.82 -3.25 -30.73
C GLY A 309 -2.74 -2.12 -30.32
N PRO A 310 -3.71 -2.40 -29.42
CA PRO A 310 -3.94 -3.67 -28.71
C PRO A 310 -4.35 -4.82 -29.64
N PRO A 311 -4.11 -6.08 -29.23
CA PRO A 311 -3.42 -6.56 -28.01
C PRO A 311 -1.99 -6.02 -27.90
N TYR A 312 -1.67 -5.45 -26.75
CA TYR A 312 -0.39 -4.76 -26.57
C TYR A 312 0.80 -5.71 -26.52
N ARG A 313 1.76 -5.45 -27.40
CA ARG A 313 3.05 -6.14 -27.38
C ARG A 313 4.11 -5.03 -27.33
N TYR A 314 4.95 -5.08 -26.30
CA TYR A 314 5.99 -4.07 -26.09
C TYR A 314 7.30 -4.48 -26.74
N PHE A 315 8.07 -3.50 -27.21
CA PHE A 315 9.38 -3.75 -27.81
C PHE A 315 10.40 -2.70 -27.37
N ARG A 316 11.66 -3.09 -27.35
CA ARG A 316 12.75 -2.18 -27.01
C ARG A 316 13.21 -1.46 -28.27
N ARG A 317 13.26 -0.13 -28.22
CA ARG A 317 13.78 0.66 -29.33
C ARG A 317 15.31 0.53 -29.40
ZN ZN B . -0.19 -2.37 0.22
ZN ZN C . 0.44 -4.16 2.92
#